data_2XYL
#
_entry.id   2XYL
#
_cell.length_a   88.180
_cell.length_b   88.180
_cell.length_c   81.290
_cell.angle_alpha   90.00
_cell.angle_beta   90.00
_cell.angle_gamma   90.00
#
_symmetry.space_group_name_H-M   'P 41 21 2'
#
loop_
_entity.id
_entity.type
_entity.pdbx_description
1 polymer BETA-1,4-GLYCANASE
2 branched beta-D-xylopyranose-(1-4)-2-deoxy-2-fluoro-alpha-D-xylopyranose
3 water water
#
_entity_poly.entity_id   1
_entity_poly.type   'polypeptide(L)'
_entity_poly.pdbx_seq_one_letter_code
;ATTLKEAADGAGRDFGFALDPNRLSEAQYKAIADSEFNLVVAENAMKWDATEPSQNSFSFGAGDRVASYAADTGKELYGH
TLVWHSQLPDWAKNLNGSAFESAMVNHVTKVADHFEGKVASWDVVNEAFADGGGRRQDSAFQQKLGNGYIETAFRAARAA
DPTAKLCINDYNVEGINAKSNSLYDLVKDFKARGVPLDCVGFQSHLIVGQVPGDFRQNLQRFADLGVDVRITELDIRMRT
PSDATKLATQAADYKKVVQACMQVTRCQGVTVWGITDKYSWVPDVFPGEGAALVWDASYAKKPAYAAVMEAF
;
_entity_poly.pdbx_strand_id   A
#
loop_
_chem_comp.id
_chem_comp.type
_chem_comp.name
_chem_comp.formula
X2F D-saccharide, alpha linking 2-deoxy-2-fluoro-alpha-D-xylopyranose 'C5 H9 F O4'
XYP D-saccharide, beta linking beta-D-xylopyranose 'C5 H10 O5'
#
# COMPACT_ATOMS: atom_id res chain seq x y z
N ALA A 1 4.18 24.04 -10.55
CA ALA A 1 5.21 22.95 -10.58
C ALA A 1 5.28 22.28 -11.95
N THR A 2 6.42 21.66 -12.25
CA THR A 2 6.63 20.98 -13.53
C THR A 2 6.44 19.47 -13.40
N THR A 3 6.54 18.96 -12.17
CA THR A 3 6.38 17.53 -11.92
C THR A 3 5.44 17.30 -10.73
N LEU A 4 4.86 16.11 -10.66
CA LEU A 4 3.96 15.75 -9.57
C LEU A 4 4.71 15.72 -8.23
N LYS A 5 6.03 15.50 -8.31
CA LYS A 5 6.87 15.47 -7.13
C LYS A 5 6.88 16.83 -6.45
N GLU A 6 7.06 17.88 -7.24
CA GLU A 6 7.08 19.24 -6.71
C GLU A 6 5.74 19.64 -6.12
N ALA A 7 4.66 19.19 -6.77
CA ALA A 7 3.31 19.48 -6.32
C ALA A 7 3.09 18.84 -4.95
N ALA A 8 3.51 17.57 -4.82
CA ALA A 8 3.37 16.84 -3.56
C ALA A 8 4.28 17.45 -2.50
N ASP A 9 5.52 17.79 -2.90
CA ASP A 9 6.49 18.40 -2.00
C ASP A 9 5.98 19.72 -1.46
N GLY A 10 5.45 20.56 -2.35
CA GLY A 10 4.92 21.85 -1.95
C GLY A 10 3.74 21.71 -1.00
N ALA A 11 3.02 20.61 -1.13
CA ALA A 11 1.87 20.34 -0.28
C ALA A 11 2.29 19.67 1.02
N GLY A 12 3.59 19.36 1.13
CA GLY A 12 4.11 18.69 2.31
C GLY A 12 3.55 17.29 2.43
N ARG A 13 3.35 16.65 1.28
CA ARG A 13 2.80 15.29 1.23
C ARG A 13 3.57 14.34 0.32
N ASP A 14 3.35 13.04 0.56
CA ASP A 14 3.97 11.98 -0.21
C ASP A 14 3.17 11.58 -1.44
N PHE A 15 3.89 11.28 -2.51
CA PHE A 15 3.30 10.83 -3.75
C PHE A 15 4.25 9.75 -4.24
N GLY A 16 3.89 8.49 -4.01
CA GLY A 16 4.75 7.39 -4.41
C GLY A 16 4.23 6.47 -5.48
N PHE A 17 5.05 5.47 -5.81
CA PHE A 17 4.69 4.48 -6.83
C PHE A 17 5.23 3.11 -6.44
N ALA A 18 4.61 2.07 -7.00
CA ALA A 18 5.02 0.69 -6.75
C ALA A 18 6.17 0.38 -7.70
N LEU A 19 7.33 0.07 -7.14
CA LEU A 19 8.52 -0.20 -7.93
C LEU A 19 8.82 -1.67 -8.22
N ASP A 20 9.16 -1.93 -9.48
CA ASP A 20 9.59 -3.25 -9.91
C ASP A 20 11.03 -2.93 -10.30
N PRO A 21 12.00 -3.35 -9.45
CA PRO A 21 13.42 -3.12 -9.69
C PRO A 21 13.95 -3.51 -11.07
N ASN A 22 13.37 -4.54 -11.67
CA ASN A 22 13.78 -5.01 -12.99
C ASN A 22 13.45 -4.03 -14.13
N ARG A 23 12.65 -3.01 -13.84
CA ARG A 23 12.26 -2.03 -14.84
C ARG A 23 13.17 -0.80 -14.87
N LEU A 24 14.03 -0.66 -13.86
CA LEU A 24 14.96 0.48 -13.80
C LEU A 24 15.95 0.49 -14.96
N SER A 25 16.06 -0.64 -15.67
CA SER A 25 16.96 -0.75 -16.81
C SER A 25 16.31 -0.15 -18.05
N GLU A 26 15.01 0.15 -17.94
CA GLU A 26 14.25 0.75 -19.04
C GLU A 26 14.31 2.26 -18.84
N ALA A 27 14.99 2.94 -19.76
CA ALA A 27 15.20 4.39 -19.72
C ALA A 27 14.00 5.26 -19.39
N GLN A 28 12.88 5.07 -20.10
CA GLN A 28 11.69 5.88 -19.86
C GLN A 28 11.07 5.64 -18.49
N TYR A 29 11.09 4.39 -18.05
CA TYR A 29 10.55 4.03 -16.75
C TYR A 29 11.33 4.76 -15.65
N LYS A 30 12.64 4.61 -15.67
CA LYS A 30 13.52 5.24 -14.69
C LYS A 30 13.39 6.76 -14.68
N ALA A 31 13.29 7.35 -15.87
CA ALA A 31 13.17 8.79 -16.02
C ALA A 31 11.97 9.34 -15.26
N ILE A 32 10.82 8.68 -15.42
CA ILE A 32 9.59 9.08 -14.75
C ILE A 32 9.70 8.84 -13.25
N ALA A 33 10.18 7.66 -12.89
CA ALA A 33 10.35 7.28 -11.49
C ALA A 33 11.23 8.30 -10.75
N ASP A 34 12.31 8.72 -11.39
CA ASP A 34 13.24 9.68 -10.81
C ASP A 34 12.67 11.07 -10.57
N SER A 35 11.89 11.58 -11.53
CA SER A 35 11.36 12.93 -11.43
C SER A 35 9.92 13.19 -11.00
N GLU A 36 9.07 12.18 -11.04
CA GLU A 36 7.65 12.36 -10.69
C GLU A 36 7.18 11.95 -9.30
N PHE A 37 8.01 11.22 -8.56
CA PHE A 37 7.63 10.74 -7.23
C PHE A 37 8.64 11.09 -6.14
N ASN A 38 8.17 11.10 -4.89
CA ASN A 38 9.03 11.40 -3.74
C ASN A 38 9.02 10.27 -2.70
N LEU A 39 8.33 9.19 -3.04
CA LEU A 39 8.23 8.02 -2.18
C LEU A 39 8.20 6.79 -3.07
N VAL A 40 8.72 5.68 -2.55
CA VAL A 40 8.76 4.43 -3.30
C VAL A 40 8.44 3.22 -2.41
N VAL A 41 7.83 2.21 -3.01
CA VAL A 41 7.46 0.99 -2.31
C VAL A 41 7.69 -0.20 -3.25
N ALA A 42 8.08 -1.34 -2.69
CA ALA A 42 8.32 -2.52 -3.50
C ALA A 42 6.99 -3.18 -3.89
N GLU A 43 6.79 -3.37 -5.19
CA GLU A 43 5.56 -3.98 -5.67
C GLU A 43 5.48 -5.43 -5.19
N ASN A 44 6.62 -6.11 -5.16
CA ASN A 44 6.67 -7.51 -4.74
C ASN A 44 7.94 -7.89 -3.99
N ALA A 45 9.02 -7.14 -4.21
CA ALA A 45 10.33 -7.42 -3.60
C ALA A 45 10.43 -7.61 -2.08
N MET A 46 9.52 -7.02 -1.31
CA MET A 46 9.58 -7.16 0.13
C MET A 46 8.55 -8.08 0.79
N LYS A 47 7.79 -8.80 -0.04
CA LYS A 47 6.78 -9.72 0.47
C LYS A 47 7.42 -10.99 1.05
N TRP A 48 6.60 -11.79 1.73
CA TRP A 48 7.06 -13.03 2.38
C TRP A 48 7.69 -14.03 1.42
N ASP A 49 7.03 -14.30 0.29
CA ASP A 49 7.53 -15.25 -0.70
C ASP A 49 8.85 -14.83 -1.35
N ALA A 50 9.13 -13.53 -1.33
CA ALA A 50 10.36 -12.99 -1.91
C ALA A 50 11.50 -12.90 -0.89
N THR A 51 11.17 -12.59 0.35
CA THR A 51 12.17 -12.43 1.41
C THR A 51 12.57 -13.72 2.15
N GLU A 52 11.64 -14.65 2.29
CA GLU A 52 11.93 -15.92 2.97
C GLU A 52 11.32 -17.09 2.20
N PRO A 53 11.90 -17.42 1.04
CA PRO A 53 11.47 -18.52 0.16
C PRO A 53 11.48 -19.89 0.83
N SER A 54 12.39 -20.05 1.79
CA SER A 54 12.52 -21.29 2.56
C SER A 54 12.64 -20.85 4.00
N GLN A 55 12.13 -21.65 4.94
CA GLN A 55 12.19 -21.30 6.35
C GLN A 55 13.61 -20.95 6.80
N ASN A 56 13.73 -19.78 7.41
CA ASN A 56 15.00 -19.25 7.91
C ASN A 56 16.00 -18.82 6.84
N SER A 57 15.67 -19.07 5.58
CA SER A 57 16.53 -18.68 4.46
C SER A 57 16.01 -17.40 3.83
N PHE A 58 16.62 -16.29 4.21
CA PHE A 58 16.22 -14.98 3.71
C PHE A 58 16.98 -14.51 2.48
N SER A 59 16.25 -13.90 1.55
CA SER A 59 16.79 -13.38 0.31
C SER A 59 16.41 -11.91 0.17
N PHE A 60 17.29 -11.03 0.65
CA PHE A 60 17.02 -9.58 0.59
C PHE A 60 17.54 -8.87 -0.65
N GLY A 61 18.00 -9.63 -1.64
CA GLY A 61 18.52 -9.04 -2.86
C GLY A 61 17.65 -7.99 -3.53
N ALA A 62 16.50 -8.40 -4.04
CA ALA A 62 15.57 -7.49 -4.70
C ALA A 62 15.09 -6.42 -3.73
N GLY A 63 14.85 -6.81 -2.47
CA GLY A 63 14.40 -5.88 -1.45
C GLY A 63 15.41 -4.76 -1.25
N ASP A 64 16.69 -5.14 -1.16
CA ASP A 64 17.77 -4.17 -0.98
C ASP A 64 17.85 -3.25 -2.19
N ARG A 65 17.61 -3.78 -3.39
CA ARG A 65 17.69 -2.99 -4.62
C ARG A 65 16.70 -1.84 -4.59
N VAL A 66 15.52 -2.09 -4.03
CA VAL A 66 14.48 -1.06 -3.89
C VAL A 66 14.94 -0.03 -2.88
N ALA A 67 15.47 -0.50 -1.74
CA ALA A 67 15.95 0.37 -0.67
C ALA A 67 17.11 1.25 -1.15
N SER A 68 18.00 0.68 -1.96
CA SER A 68 19.14 1.41 -2.50
C SER A 68 18.64 2.53 -3.40
N TYR A 69 17.67 2.21 -4.26
CA TYR A 69 17.10 3.18 -5.17
C TYR A 69 16.52 4.38 -4.45
N ALA A 70 15.77 4.12 -3.37
CA ALA A 70 15.16 5.18 -2.57
C ALA A 70 16.23 6.09 -1.97
N ALA A 71 17.24 5.47 -1.38
CA ALA A 71 18.34 6.20 -0.75
C ALA A 71 19.16 7.01 -1.75
N ASP A 72 19.39 6.43 -2.93
CA ASP A 72 20.18 7.07 -3.98
C ASP A 72 19.46 8.21 -4.69
N THR A 73 18.13 8.18 -4.70
CA THR A 73 17.34 9.21 -5.35
C THR A 73 16.66 10.18 -4.38
N GLY A 74 16.83 9.93 -3.08
CA GLY A 74 16.26 10.79 -2.06
C GLY A 74 14.76 10.66 -1.83
N LYS A 75 14.23 9.46 -2.04
CA LYS A 75 12.81 9.22 -1.83
C LYS A 75 12.59 8.46 -0.53
N GLU A 76 11.41 8.63 0.06
CA GLU A 76 11.05 7.94 1.29
C GLU A 76 10.80 6.48 0.90
N LEU A 77 11.11 5.55 1.81
CA LEU A 77 10.90 4.13 1.53
C LEU A 77 9.72 3.61 2.33
N TYR A 78 8.74 3.05 1.63
CA TYR A 78 7.57 2.47 2.28
C TYR A 78 7.70 0.95 2.21
N GLY A 79 7.70 0.31 3.39
CA GLY A 79 7.82 -1.13 3.44
C GLY A 79 6.49 -1.81 3.20
N HIS A 80 6.46 -2.73 2.23
CA HIS A 80 5.21 -3.40 1.92
C HIS A 80 5.03 -4.81 2.47
N THR A 81 4.09 -4.87 3.40
CA THR A 81 3.64 -6.04 4.13
C THR A 81 4.55 -7.16 4.64
N LEU A 82 4.51 -7.32 5.96
CA LEU A 82 5.24 -8.35 6.67
C LEU A 82 4.34 -9.56 6.83
N VAL A 83 3.07 -9.32 7.14
CA VAL A 83 2.07 -10.37 7.32
C VAL A 83 0.94 -10.23 6.30
N TRP A 84 0.73 -11.27 5.50
CA TRP A 84 -0.30 -11.26 4.47
C TRP A 84 -0.64 -12.70 4.09
N HIS A 85 -1.93 -12.99 3.96
CA HIS A 85 -2.39 -14.33 3.60
C HIS A 85 -2.00 -14.75 2.18
N SER A 86 -1.87 -13.76 1.29
CA SER A 86 -1.50 -14.04 -0.10
C SER A 86 0.02 -14.01 -0.27
N GLN A 87 0.50 -14.70 -1.30
CA GLN A 87 1.93 -14.79 -1.59
C GLN A 87 2.72 -15.27 -0.37
N LEU A 88 2.20 -16.31 0.25
CA LEU A 88 2.79 -16.94 1.42
C LEU A 88 3.33 -18.28 0.98
N PRO A 89 4.62 -18.55 1.21
CA PRO A 89 5.26 -19.81 0.83
C PRO A 89 4.56 -21.02 1.44
N ASP A 90 4.54 -22.12 0.69
CA ASP A 90 3.88 -23.34 1.15
C ASP A 90 4.42 -23.89 2.46
N TRP A 91 5.73 -23.75 2.69
CA TRP A 91 6.32 -24.24 3.94
C TRP A 91 5.63 -23.59 5.14
N ALA A 92 5.27 -22.31 5.00
CA ALA A 92 4.59 -21.58 6.05
C ALA A 92 3.17 -22.10 6.24
N LYS A 93 2.47 -22.30 5.13
CA LYS A 93 1.09 -22.82 5.15
C LYS A 93 1.02 -24.23 5.72
N ASN A 94 2.15 -24.94 5.72
CA ASN A 94 2.22 -26.30 6.24
C ASN A 94 2.48 -26.37 7.75
N LEU A 95 2.96 -25.26 8.32
CA LEU A 95 3.24 -25.18 9.75
C LEU A 95 1.95 -24.92 10.53
N ASN A 96 1.92 -25.32 11.79
CA ASN A 96 0.73 -25.11 12.60
C ASN A 96 0.98 -24.77 14.07
N GLY A 97 -0.04 -24.16 14.69
CA GLY A 97 0.04 -23.78 16.08
C GLY A 97 1.25 -22.97 16.50
N SER A 98 2.00 -23.51 17.44
CA SER A 98 3.21 -22.88 17.98
C SER A 98 4.26 -22.59 16.91
N ALA A 99 4.64 -23.62 16.15
CA ALA A 99 5.64 -23.50 15.10
C ALA A 99 5.31 -22.42 14.09
N PHE A 100 4.03 -22.34 13.70
CA PHE A 100 3.58 -21.33 12.74
C PHE A 100 3.70 -19.93 13.32
N GLU A 101 3.37 -19.77 14.60
CA GLU A 101 3.45 -18.48 15.27
C GLU A 101 4.91 -18.04 15.40
N SER A 102 5.79 -18.98 15.73
CA SER A 102 7.20 -18.68 15.87
C SER A 102 7.77 -18.24 14.53
N ALA A 103 7.29 -18.86 13.45
CA ALA A 103 7.74 -18.51 12.10
C ALA A 103 7.29 -17.09 11.75
N MET A 104 6.05 -16.77 12.10
CA MET A 104 5.52 -15.44 11.82
C MET A 104 6.33 -14.40 12.60
N VAL A 105 6.52 -14.66 13.89
CA VAL A 105 7.26 -13.76 14.76
C VAL A 105 8.70 -13.58 14.25
N ASN A 106 9.31 -14.67 13.80
CA ASN A 106 10.68 -14.62 13.29
C ASN A 106 10.76 -13.85 11.96
N HIS A 107 9.79 -14.08 11.07
CA HIS A 107 9.78 -13.40 9.78
C HIS A 107 9.66 -11.89 9.97
N VAL A 108 8.74 -11.48 10.85
CA VAL A 108 8.51 -10.08 11.16
C VAL A 108 9.75 -9.43 11.77
N THR A 109 10.41 -10.16 12.66
CA THR A 109 11.61 -9.68 13.33
C THR A 109 12.80 -9.53 12.39
N LYS A 110 13.08 -10.57 11.61
CA LYS A 110 14.20 -10.55 10.68
C LYS A 110 14.07 -9.52 9.56
N VAL A 111 12.89 -9.45 8.94
CA VAL A 111 12.67 -8.50 7.85
C VAL A 111 12.66 -7.06 8.33
N ALA A 112 12.02 -6.80 9.46
CA ALA A 112 11.95 -5.46 10.03
C ALA A 112 13.35 -5.01 10.49
N ASP A 113 14.09 -5.94 11.07
CA ASP A 113 15.45 -5.69 11.56
C ASP A 113 16.41 -5.37 10.42
N HIS A 114 16.29 -6.12 9.32
CA HIS A 114 17.16 -5.93 8.16
C HIS A 114 17.02 -4.54 7.51
N PHE A 115 15.79 -4.05 7.39
CA PHE A 115 15.54 -2.75 6.78
C PHE A 115 15.40 -1.62 7.78
N GLU A 116 15.77 -1.89 9.04
CA GLU A 116 15.69 -0.88 10.10
C GLU A 116 16.53 0.33 9.70
N GLY A 117 15.92 1.51 9.78
CA GLY A 117 16.61 2.73 9.41
C GLY A 117 16.41 3.12 7.95
N LYS A 118 15.95 2.16 7.14
CA LYS A 118 15.69 2.41 5.72
C LYS A 118 14.21 2.72 5.47
N VAL A 119 13.35 1.80 5.87
CA VAL A 119 11.90 1.98 5.70
C VAL A 119 11.34 2.90 6.77
N ALA A 120 10.51 3.84 6.37
CA ALA A 120 9.90 4.79 7.30
C ALA A 120 8.59 4.23 7.86
N SER A 121 7.85 3.49 7.03
CA SER A 121 6.59 2.91 7.43
C SER A 121 6.47 1.46 6.96
N TRP A 122 5.71 0.66 7.69
CA TRP A 122 5.51 -0.75 7.36
C TRP A 122 4.05 -1.15 7.31
N ASP A 123 3.70 -1.98 6.34
CA ASP A 123 2.35 -2.52 6.26
C ASP A 123 2.55 -3.78 7.09
N VAL A 124 2.39 -3.69 8.40
CA VAL A 124 2.59 -4.84 9.26
C VAL A 124 1.60 -5.95 8.88
N VAL A 125 0.32 -5.61 8.88
CA VAL A 125 -0.74 -6.54 8.52
C VAL A 125 -1.49 -5.99 7.32
N ASN A 126 -1.70 -6.85 6.32
CA ASN A 126 -2.40 -6.46 5.11
C ASN A 126 -3.60 -7.37 4.85
N GLU A 127 -4.75 -6.76 4.59
CA GLU A 127 -6.00 -7.46 4.28
C GLU A 127 -6.43 -8.53 5.29
N ALA A 128 -6.61 -8.12 6.54
CA ALA A 128 -7.04 -9.03 7.60
C ALA A 128 -8.55 -9.19 7.68
N PHE A 129 -9.28 -8.25 7.08
CA PHE A 129 -10.74 -8.29 7.13
C PHE A 129 -11.42 -8.80 5.87
N ALA A 130 -12.68 -9.19 6.02
CA ALA A 130 -13.48 -9.70 4.93
C ALA A 130 -14.51 -8.67 4.49
N ASP A 131 -14.82 -8.68 3.20
CA ASP A 131 -15.81 -7.77 2.65
C ASP A 131 -17.16 -8.13 3.28
N GLY A 132 -17.74 -7.17 3.99
CA GLY A 132 -19.02 -7.42 4.64
C GLY A 132 -18.90 -7.54 6.15
N GLY A 133 -17.72 -7.18 6.67
CA GLY A 133 -17.50 -7.23 8.10
C GLY A 133 -16.83 -8.51 8.56
N GLY A 134 -16.15 -8.43 9.70
CA GLY A 134 -15.47 -9.58 10.26
C GLY A 134 -14.10 -9.84 9.66
N ARG A 135 -13.41 -10.83 10.23
CA ARG A 135 -12.08 -11.23 9.78
C ARG A 135 -12.19 -12.14 8.56
N ARG A 136 -11.20 -12.10 7.67
CA ARG A 136 -11.24 -12.97 6.50
C ARG A 136 -10.97 -14.40 6.90
N GLN A 137 -11.75 -15.31 6.34
CA GLN A 137 -11.66 -16.73 6.65
C GLN A 137 -10.68 -17.55 5.80
N ASP A 138 -10.26 -17.01 4.66
CA ASP A 138 -9.32 -17.73 3.79
C ASP A 138 -7.87 -17.36 4.10
N SER A 139 -7.61 -16.92 5.33
CA SER A 139 -6.28 -16.54 5.76
C SER A 139 -5.67 -17.60 6.66
N ALA A 140 -4.45 -18.01 6.34
CA ALA A 140 -3.75 -19.01 7.13
C ALA A 140 -3.48 -18.49 8.55
N PHE A 141 -3.28 -17.19 8.67
CA PHE A 141 -3.02 -16.55 9.95
C PHE A 141 -4.27 -16.56 10.85
N GLN A 142 -5.41 -16.21 10.27
CA GLN A 142 -6.67 -16.19 10.99
C GLN A 142 -7.08 -17.59 11.43
N GLN A 143 -6.91 -18.56 10.53
CA GLN A 143 -7.26 -19.95 10.80
C GLN A 143 -6.39 -20.63 11.85
N LYS A 144 -5.08 -20.51 11.69
CA LYS A 144 -4.14 -21.15 12.60
C LYS A 144 -3.91 -20.43 13.94
N LEU A 145 -3.95 -19.10 13.93
CA LEU A 145 -3.69 -18.34 15.15
C LEU A 145 -4.90 -17.66 15.80
N GLY A 146 -5.93 -17.38 15.02
CA GLY A 146 -7.10 -16.73 15.58
C GLY A 146 -7.01 -15.22 15.55
N ASN A 147 -7.85 -14.56 16.35
CA ASN A 147 -7.93 -13.11 16.43
C ASN A 147 -6.70 -12.36 16.90
N GLY A 148 -5.93 -12.96 17.81
CA GLY A 148 -4.76 -12.31 18.36
C GLY A 148 -3.50 -12.22 17.51
N TYR A 149 -3.52 -12.75 16.29
CA TYR A 149 -2.32 -12.72 15.47
C TYR A 149 -1.86 -11.33 15.06
N ILE A 150 -2.80 -10.45 14.74
CA ILE A 150 -2.45 -9.09 14.34
C ILE A 150 -1.74 -8.31 15.45
N GLU A 151 -2.25 -8.39 16.67
CA GLU A 151 -1.63 -7.70 17.82
C GLU A 151 -0.21 -8.20 18.03
N THR A 152 -0.02 -9.51 17.86
CA THR A 152 1.29 -10.13 18.03
C THR A 152 2.28 -9.63 16.96
N ALA A 153 1.78 -9.40 15.75
CA ALA A 153 2.60 -8.92 14.64
C ALA A 153 3.04 -7.48 14.89
N PHE A 154 2.14 -6.64 15.39
CA PHE A 154 2.46 -5.25 15.68
C PHE A 154 3.43 -5.10 16.84
N ARG A 155 3.32 -5.98 17.84
CA ARG A 155 4.22 -5.94 19.00
C ARG A 155 5.60 -6.46 18.62
N ALA A 156 5.64 -7.43 17.72
CA ALA A 156 6.89 -8.01 17.25
C ALA A 156 7.62 -7.02 16.34
N ALA A 157 6.86 -6.26 15.55
CA ALA A 157 7.42 -5.27 14.65
C ALA A 157 8.04 -4.11 15.41
N ARG A 158 7.30 -3.59 16.40
CA ARG A 158 7.77 -2.48 17.22
C ARG A 158 9.07 -2.82 17.95
N ALA A 159 9.23 -4.08 18.33
CA ALA A 159 10.42 -4.54 19.03
C ALA A 159 11.63 -4.59 18.10
N ALA A 160 11.38 -4.98 16.85
CA ALA A 160 12.45 -5.08 15.85
C ALA A 160 12.85 -3.69 15.32
N ASP A 161 11.85 -2.82 15.16
CA ASP A 161 12.08 -1.47 14.67
C ASP A 161 11.22 -0.51 15.49
N PRO A 162 11.81 0.06 16.55
CA PRO A 162 11.17 1.00 17.47
C PRO A 162 10.74 2.37 16.92
N THR A 163 11.17 2.72 15.71
CA THR A 163 10.82 4.01 15.14
C THR A 163 9.95 4.01 13.87
N ALA A 164 9.88 2.88 13.18
CA ALA A 164 9.09 2.78 11.96
C ALA A 164 7.60 2.93 12.25
N LYS A 165 6.87 3.58 11.36
CA LYS A 165 5.42 3.76 11.51
C LYS A 165 4.79 2.42 11.12
N LEU A 166 4.09 1.81 12.08
CA LEU A 166 3.45 0.53 11.84
C LEU A 166 2.00 0.72 11.40
N CYS A 167 1.72 0.35 10.15
CA CYS A 167 0.38 0.50 9.60
C CYS A 167 -0.35 -0.82 9.36
N ILE A 168 -1.67 -0.69 9.19
CA ILE A 168 -2.54 -1.81 8.87
C ILE A 168 -3.13 -1.38 7.52
N ASN A 169 -3.10 -2.29 6.56
CA ASN A 169 -3.58 -1.98 5.21
C ASN A 169 -4.75 -2.84 4.76
N ASP A 170 -5.64 -2.27 3.95
CA ASP A 170 -6.80 -3.01 3.42
C ASP A 170 -7.53 -2.30 2.29
N TYR A 171 -8.31 -3.05 1.53
CA TYR A 171 -9.09 -2.53 0.41
C TYR A 171 -10.58 -2.58 0.71
N ASN A 172 -11.39 -1.90 -0.09
CA ASN A 172 -12.84 -1.83 0.09
C ASN A 172 -13.21 -1.26 1.45
N VAL A 173 -12.36 -0.35 1.94
CA VAL A 173 -12.57 0.29 3.23
C VAL A 173 -12.47 1.81 3.07
N GLU A 174 -12.51 2.28 1.83
CA GLU A 174 -12.42 3.70 1.51
C GLU A 174 -13.64 4.47 1.96
N GLY A 175 -14.82 3.88 1.78
CA GLY A 175 -16.05 4.52 2.21
C GLY A 175 -16.55 3.85 3.47
N ILE A 176 -17.59 4.40 4.09
CA ILE A 176 -18.15 3.81 5.29
C ILE A 176 -19.01 2.59 4.94
N ASN A 177 -18.62 1.45 5.48
CA ASN A 177 -19.33 0.19 5.25
C ASN A 177 -18.94 -0.80 6.34
N ALA A 178 -19.52 -2.00 6.26
CA ALA A 178 -19.27 -3.05 7.25
C ALA A 178 -17.80 -3.47 7.40
N LYS A 179 -17.01 -3.32 6.34
CA LYS A 179 -15.61 -3.70 6.42
C LYS A 179 -14.80 -2.62 7.15
N SER A 180 -14.96 -1.36 6.73
CA SER A 180 -14.25 -0.24 7.34
C SER A 180 -14.68 -0.05 8.79
N ASN A 181 -15.87 -0.56 9.13
CA ASN A 181 -16.39 -0.48 10.49
C ASN A 181 -15.63 -1.44 11.39
N SER A 182 -15.41 -2.66 10.89
CA SER A 182 -14.69 -3.67 11.66
C SER A 182 -13.23 -3.22 11.83
N LEU A 183 -12.71 -2.53 10.83
CA LEU A 183 -11.36 -2.01 10.85
C LEU A 183 -11.29 -0.89 11.89
N TYR A 184 -12.31 -0.02 11.87
CA TYR A 184 -12.40 1.11 12.78
C TYR A 184 -12.39 0.64 14.23
N ASP A 185 -13.19 -0.39 14.53
CA ASP A 185 -13.27 -0.96 15.87
C ASP A 185 -11.93 -1.54 16.32
N LEU A 186 -11.17 -2.06 15.37
CA LEU A 186 -9.85 -2.64 15.66
C LEU A 186 -8.86 -1.55 16.05
N VAL A 187 -8.77 -0.52 15.21
CA VAL A 187 -7.87 0.60 15.44
C VAL A 187 -8.18 1.27 16.78
N LYS A 188 -9.48 1.46 17.03
CA LYS A 188 -9.98 2.07 18.25
C LYS A 188 -9.56 1.27 19.47
N ASP A 189 -9.66 -0.06 19.37
CA ASP A 189 -9.30 -0.98 20.45
C ASP A 189 -7.79 -1.01 20.69
N PHE A 190 -7.03 -1.07 19.60
CA PHE A 190 -5.57 -1.10 19.69
C PHE A 190 -5.01 0.15 20.34
N LYS A 191 -5.53 1.31 19.95
CA LYS A 191 -5.08 2.57 20.51
C LYS A 191 -5.48 2.73 21.97
N ALA A 192 -6.61 2.14 22.34
CA ALA A 192 -7.12 2.20 23.70
C ALA A 192 -6.32 1.29 24.64
N ARG A 193 -5.85 0.17 24.10
CA ARG A 193 -5.06 -0.78 24.88
C ARG A 193 -3.55 -0.57 24.76
N GLY A 194 -3.16 0.45 23.99
CA GLY A 194 -1.75 0.76 23.83
C GLY A 194 -0.96 -0.13 22.88
N VAL A 195 -1.66 -0.86 22.01
CA VAL A 195 -1.00 -1.74 21.05
C VAL A 195 -0.35 -0.85 19.98
N PRO A 196 0.91 -1.12 19.62
CA PRO A 196 1.64 -0.36 18.60
C PRO A 196 0.94 -0.30 17.25
N LEU A 197 0.41 0.87 16.91
CA LEU A 197 -0.29 1.09 15.64
C LEU A 197 -0.28 2.60 15.40
N ASP A 198 0.33 3.00 14.30
CA ASP A 198 0.45 4.42 14.00
C ASP A 198 -0.29 4.89 12.76
N CYS A 199 -0.66 3.96 11.88
CA CYS A 199 -1.30 4.33 10.62
C CYS A 199 -2.26 3.33 10.00
N VAL A 200 -3.15 3.85 9.15
CA VAL A 200 -4.13 3.03 8.46
C VAL A 200 -4.02 3.28 6.95
N GLY A 201 -3.81 2.21 6.18
CA GLY A 201 -3.67 2.34 4.75
C GLY A 201 -4.93 1.95 3.99
N PHE A 202 -5.32 2.79 3.03
CA PHE A 202 -6.50 2.57 2.20
C PHE A 202 -6.03 2.28 0.78
N GLN A 203 -6.08 1.02 0.39
CA GLN A 203 -5.64 0.60 -0.93
C GLN A 203 -6.15 1.45 -2.08
N SER A 204 -7.46 1.67 -2.12
CA SER A 204 -8.09 2.47 -3.16
C SER A 204 -8.01 1.89 -4.59
N HIS A 205 -8.28 0.59 -4.70
CA HIS A 205 -8.33 -0.07 -6.00
C HIS A 205 -9.76 0.16 -6.47
N LEU A 206 -9.99 1.38 -6.97
CA LEU A 206 -11.30 1.82 -7.41
C LEU A 206 -11.65 1.55 -8.86
N ILE A 207 -12.91 1.82 -9.19
CA ILE A 207 -13.43 1.65 -10.54
C ILE A 207 -13.84 3.03 -11.04
N VAL A 208 -13.59 3.28 -12.31
CA VAL A 208 -13.90 4.57 -12.92
C VAL A 208 -15.34 5.03 -12.68
N GLY A 209 -15.47 6.24 -12.15
CA GLY A 209 -16.77 6.81 -11.85
C GLY A 209 -17.46 6.30 -10.60
N GLN A 210 -16.77 5.48 -9.82
CA GLN A 210 -17.36 4.94 -8.59
C GLN A 210 -16.54 5.23 -7.34
N VAL A 211 -16.06 6.47 -7.24
CA VAL A 211 -15.29 6.89 -6.07
C VAL A 211 -16.26 7.14 -4.91
N PRO A 212 -16.01 6.50 -3.75
CA PRO A 212 -16.85 6.63 -2.56
C PRO A 212 -17.09 8.10 -2.17
N GLY A 213 -18.36 8.50 -2.20
CA GLY A 213 -18.73 9.87 -1.86
C GLY A 213 -18.41 10.27 -0.44
N ASP A 214 -18.23 9.29 0.44
CA ASP A 214 -17.93 9.56 1.84
C ASP A 214 -16.47 9.21 2.15
N PHE A 215 -15.64 9.22 1.12
CA PHE A 215 -14.23 8.90 1.22
C PHE A 215 -13.54 9.73 2.30
N ARG A 216 -13.52 11.04 2.11
CA ARG A 216 -12.87 11.93 3.07
C ARG A 216 -13.50 11.87 4.47
N GLN A 217 -14.80 11.67 4.54
CA GLN A 217 -15.47 11.58 5.84
C GLN A 217 -14.92 10.37 6.58
N ASN A 218 -14.73 9.28 5.84
CA ASN A 218 -14.21 8.04 6.39
C ASN A 218 -12.75 8.22 6.83
N LEU A 219 -11.95 8.88 6.00
CA LEU A 219 -10.54 9.12 6.31
C LEU A 219 -10.42 9.94 7.60
N GLN A 220 -11.29 10.94 7.73
CA GLN A 220 -11.30 11.83 8.88
C GLN A 220 -11.62 11.12 10.19
N ARG A 221 -12.59 10.21 10.17
CA ARG A 221 -12.95 9.50 11.41
C ARG A 221 -11.77 8.67 11.96
N PHE A 222 -10.98 8.10 11.06
CA PHE A 222 -9.82 7.30 11.46
C PHE A 222 -8.75 8.21 12.03
N ALA A 223 -8.55 9.36 11.39
CA ALA A 223 -7.55 10.34 11.81
C ALA A 223 -7.87 10.85 13.22
N ASP A 224 -9.15 10.91 13.56
CA ASP A 224 -9.60 11.37 14.86
C ASP A 224 -9.28 10.37 15.97
N LEU A 225 -8.89 9.16 15.59
CA LEU A 225 -8.53 8.13 16.55
C LEU A 225 -7.08 8.29 17.01
N GLY A 226 -6.37 9.23 16.40
CA GLY A 226 -4.98 9.47 16.75
C GLY A 226 -3.97 8.72 15.90
N VAL A 227 -4.33 8.45 14.65
CA VAL A 227 -3.44 7.74 13.72
C VAL A 227 -3.41 8.44 12.36
N ASP A 228 -2.34 8.21 11.61
CA ASP A 228 -2.22 8.80 10.27
C ASP A 228 -2.90 7.88 9.27
N VAL A 229 -3.36 8.47 8.16
CA VAL A 229 -4.01 7.69 7.11
C VAL A 229 -3.25 7.91 5.81
N ARG A 230 -3.39 6.98 4.87
CA ARG A 230 -2.68 7.07 3.59
C ARG A 230 -3.36 6.23 2.51
N ILE A 231 -3.28 6.70 1.26
CA ILE A 231 -3.84 5.97 0.13
C ILE A 231 -2.64 5.18 -0.42
N THR A 232 -2.66 3.87 -0.16
CA THR A 232 -1.56 2.99 -0.53
C THR A 232 -1.39 2.36 -1.90
N GLU A 233 -2.48 1.96 -2.56
CA GLU A 233 -2.33 1.30 -3.85
C GLU A 233 -3.32 1.78 -4.89
N LEU A 234 -3.36 3.09 -5.08
CA LEU A 234 -4.27 3.73 -6.01
C LEU A 234 -4.13 3.45 -7.50
N ASP A 235 -5.26 3.07 -8.09
CA ASP A 235 -5.40 2.83 -9.52
C ASP A 235 -6.90 2.79 -9.78
N ILE A 236 -7.33 3.45 -10.86
CA ILE A 236 -8.74 3.50 -11.17
C ILE A 236 -8.99 2.85 -12.53
N ARG A 237 -9.33 1.57 -12.50
CA ARG A 237 -9.58 0.79 -13.68
C ARG A 237 -10.91 1.05 -14.40
N MET A 238 -10.88 0.79 -15.71
CA MET A 238 -12.03 0.97 -16.57
C MET A 238 -12.11 -0.23 -17.51
N ARG A 239 -13.19 -0.28 -18.28
CA ARG A 239 -13.40 -1.34 -19.25
C ARG A 239 -12.56 -0.95 -20.47
N THR A 240 -11.61 -1.80 -20.85
CA THR A 240 -10.75 -1.54 -22.01
C THR A 240 -11.49 -1.86 -23.31
N PRO A 241 -11.19 -1.11 -24.40
CA PRO A 241 -10.23 -0.01 -24.45
C PRO A 241 -10.76 1.29 -23.85
N SER A 242 -9.86 2.25 -23.74
CA SER A 242 -10.18 3.56 -23.18
C SER A 242 -10.60 4.52 -24.27
N ASP A 243 -11.33 5.56 -23.88
CA ASP A 243 -11.76 6.59 -24.80
C ASP A 243 -11.78 7.93 -24.08
N ALA A 244 -12.04 9.00 -24.82
CA ALA A 244 -12.08 10.36 -24.26
C ALA A 244 -12.92 10.48 -22.98
N THR A 245 -14.16 10.02 -23.03
CA THR A 245 -15.04 10.10 -21.86
C THR A 245 -14.49 9.31 -20.68
N LYS A 246 -14.10 8.06 -20.90
CA LYS A 246 -13.56 7.22 -19.83
C LYS A 246 -12.33 7.87 -19.19
N LEU A 247 -11.47 8.48 -20.00
CA LEU A 247 -10.27 9.14 -19.51
C LEU A 247 -10.62 10.43 -18.80
N ALA A 248 -11.66 11.10 -19.26
CA ALA A 248 -12.12 12.35 -18.65
C ALA A 248 -12.69 12.05 -17.27
N THR A 249 -13.43 10.95 -17.16
CA THR A 249 -14.02 10.56 -15.89
C THR A 249 -12.93 10.12 -14.94
N GLN A 250 -12.02 9.30 -15.43
CA GLN A 250 -10.90 8.79 -14.63
C GLN A 250 -10.11 9.97 -14.04
N ALA A 251 -9.89 11.00 -14.85
CA ALA A 251 -9.18 12.19 -14.42
C ALA A 251 -9.89 12.86 -13.24
N ALA A 252 -11.22 12.94 -13.31
CA ALA A 252 -12.01 13.54 -12.24
C ALA A 252 -11.98 12.66 -10.99
N ASP A 253 -11.84 11.36 -11.18
CA ASP A 253 -11.79 10.43 -10.05
C ASP A 253 -10.48 10.57 -9.29
N TYR A 254 -9.37 10.66 -10.02
CA TYR A 254 -8.05 10.82 -9.42
C TYR A 254 -8.03 12.11 -8.61
N LYS A 255 -8.69 13.13 -9.14
CA LYS A 255 -8.75 14.43 -8.48
C LYS A 255 -9.46 14.32 -7.13
N LYS A 256 -10.64 13.70 -7.14
CA LYS A 256 -11.44 13.51 -5.93
C LYS A 256 -10.65 12.81 -4.84
N VAL A 257 -9.92 11.77 -5.22
CA VAL A 257 -9.13 10.99 -4.28
C VAL A 257 -8.02 11.81 -3.63
N VAL A 258 -7.29 12.58 -4.43
CA VAL A 258 -6.22 13.41 -3.91
C VAL A 258 -6.79 14.52 -3.04
N GLN A 259 -7.87 15.16 -3.50
CA GLN A 259 -8.52 16.24 -2.74
C GLN A 259 -8.93 15.76 -1.35
N ALA A 260 -9.45 14.54 -1.29
CA ALA A 260 -9.88 13.94 -0.02
C ALA A 260 -8.71 13.89 0.95
N CYS A 261 -7.55 13.46 0.44
CA CYS A 261 -6.34 13.37 1.23
C CYS A 261 -5.93 14.77 1.69
N MET A 262 -5.97 15.72 0.75
CA MET A 262 -5.62 17.11 1.03
C MET A 262 -6.50 17.75 2.10
N GLN A 263 -7.74 17.26 2.21
CA GLN A 263 -8.69 17.78 3.18
C GLN A 263 -8.53 17.22 4.59
N VAL A 264 -7.80 16.11 4.70
CA VAL A 264 -7.54 15.48 5.99
C VAL A 264 -6.08 15.77 6.32
N THR A 265 -5.85 16.58 7.36
CA THR A 265 -4.50 16.96 7.77
C THR A 265 -3.56 15.79 8.05
N ARG A 266 -4.11 14.68 8.53
CA ARG A 266 -3.30 13.50 8.85
C ARG A 266 -3.04 12.57 7.68
N CYS A 267 -3.55 12.91 6.50
CA CYS A 267 -3.32 12.08 5.34
C CYS A 267 -1.90 12.34 4.81
N GLN A 268 -1.04 11.35 5.01
CA GLN A 268 0.36 11.41 4.63
C GLN A 268 0.66 11.55 3.13
N GLY A 269 -0.22 11.02 2.29
CA GLY A 269 -0.01 11.11 0.86
C GLY A 269 -0.71 10.04 0.05
N VAL A 270 -0.37 9.96 -1.23
CA VAL A 270 -0.97 9.00 -2.15
C VAL A 270 0.11 8.20 -2.89
N THR A 271 -0.09 6.88 -2.96
CA THR A 271 0.83 5.98 -3.67
C THR A 271 0.04 5.27 -4.75
N VAL A 272 0.44 5.48 -6.01
CA VAL A 272 -0.22 4.83 -7.14
C VAL A 272 0.45 3.47 -7.36
N TRP A 273 -0.35 2.43 -7.59
CA TRP A 273 0.22 1.11 -7.78
C TRP A 273 0.84 0.87 -9.15
N GLY A 274 1.94 1.58 -9.40
CA GLY A 274 2.65 1.47 -10.67
C GLY A 274 2.81 2.80 -11.37
N ILE A 275 3.49 2.77 -12.51
CA ILE A 275 3.72 3.97 -13.31
C ILE A 275 2.92 3.96 -14.61
N THR A 276 3.12 2.91 -15.40
CA THR A 276 2.44 2.79 -16.69
C THR A 276 1.46 1.62 -16.80
N ASP A 277 0.42 1.82 -17.59
CA ASP A 277 -0.59 0.80 -17.82
C ASP A 277 0.03 -0.47 -18.41
N LYS A 278 1.17 -0.30 -19.08
CA LYS A 278 1.87 -1.41 -19.71
C LYS A 278 2.30 -2.49 -18.71
N TYR A 279 2.49 -2.10 -17.46
CA TYR A 279 2.93 -3.03 -16.43
C TYR A 279 1.92 -3.23 -15.30
N SER A 280 0.79 -2.53 -15.39
CA SER A 280 -0.26 -2.61 -14.38
C SER A 280 -0.73 -4.04 -14.12
N TRP A 281 -0.97 -4.36 -12.86
CA TRP A 281 -1.42 -5.70 -12.46
C TRP A 281 -2.89 -5.96 -12.75
N VAL A 282 -3.67 -4.89 -12.97
CA VAL A 282 -5.11 -5.00 -13.21
C VAL A 282 -5.60 -6.03 -14.22
N PRO A 283 -5.18 -5.93 -15.50
CA PRO A 283 -5.62 -6.87 -16.54
C PRO A 283 -5.47 -8.37 -16.22
N ASP A 284 -4.49 -8.71 -15.40
CA ASP A 284 -4.24 -10.10 -15.04
C ASP A 284 -5.18 -10.60 -13.96
N VAL A 285 -5.62 -9.68 -13.11
CA VAL A 285 -6.52 -10.00 -12.01
C VAL A 285 -7.97 -9.72 -12.38
N PHE A 286 -8.21 -8.58 -13.04
CA PHE A 286 -9.55 -8.18 -13.47
C PHE A 286 -9.64 -8.29 -15.00
N PRO A 287 -9.95 -9.49 -15.50
CA PRO A 287 -10.07 -9.73 -16.94
C PRO A 287 -11.02 -8.75 -17.63
N GLY A 288 -10.54 -8.12 -18.70
CA GLY A 288 -11.35 -7.18 -19.43
C GLY A 288 -11.25 -5.74 -18.96
N GLU A 289 -10.55 -5.51 -17.84
CA GLU A 289 -10.40 -4.17 -17.31
C GLU A 289 -8.94 -3.73 -17.27
N GLY A 290 -8.70 -2.43 -17.29
CA GLY A 290 -7.35 -1.90 -17.27
C GLY A 290 -7.28 -0.40 -17.44
N ALA A 291 -6.16 0.08 -17.99
CA ALA A 291 -5.91 1.51 -18.21
C ALA A 291 -6.11 2.29 -16.91
N ALA A 292 -5.72 1.66 -15.81
CA ALA A 292 -5.89 2.23 -14.47
C ALA A 292 -4.91 3.29 -13.96
N LEU A 293 -3.69 3.30 -14.49
CA LEU A 293 -2.68 4.24 -14.03
C LEU A 293 -2.64 5.60 -14.73
N VAL A 294 -1.71 6.46 -14.31
CA VAL A 294 -1.57 7.81 -14.86
C VAL A 294 -0.87 7.88 -16.22
N TRP A 295 0.04 6.94 -16.48
CA TRP A 295 0.75 6.90 -17.77
C TRP A 295 0.30 5.70 -18.59
N ASP A 296 0.06 5.91 -19.88
CA ASP A 296 -0.38 4.82 -20.74
C ASP A 296 0.78 3.90 -21.16
N ALA A 297 0.45 2.86 -21.92
CA ALA A 297 1.43 1.88 -22.40
C ALA A 297 2.58 2.46 -23.21
N SER A 298 2.42 3.71 -23.67
CA SER A 298 3.44 4.41 -24.45
C SER A 298 4.19 5.43 -23.61
N TYR A 299 3.91 5.44 -22.31
CA TYR A 299 4.53 6.37 -21.35
C TYR A 299 4.10 7.82 -21.58
N ALA A 300 2.88 7.98 -22.08
CA ALA A 300 2.34 9.30 -22.34
C ALA A 300 1.39 9.66 -21.20
N LYS A 301 1.49 10.90 -20.75
CA LYS A 301 0.66 11.40 -19.66
C LYS A 301 -0.80 11.40 -20.09
N LYS A 302 -1.65 10.83 -19.25
CA LYS A 302 -3.08 10.79 -19.53
C LYS A 302 -3.74 11.97 -18.80
N PRO A 303 -5.01 12.26 -19.10
CA PRO A 303 -5.72 13.38 -18.45
C PRO A 303 -5.66 13.37 -16.92
N ALA A 304 -5.41 12.20 -16.34
CA ALA A 304 -5.32 12.05 -14.89
C ALA A 304 -4.11 12.80 -14.32
N TYR A 305 -3.06 12.92 -15.12
CA TYR A 305 -1.84 13.61 -14.71
C TYR A 305 -2.13 15.03 -14.23
N ALA A 306 -2.70 15.84 -15.12
CA ALA A 306 -3.04 17.23 -14.82
C ALA A 306 -3.98 17.33 -13.63
N ALA A 307 -4.86 16.35 -13.49
CA ALA A 307 -5.82 16.30 -12.39
C ALA A 307 -5.12 16.14 -11.05
N VAL A 308 -4.22 15.16 -10.97
CA VAL A 308 -3.46 14.91 -9.75
C VAL A 308 -2.65 16.16 -9.41
N MET A 309 -2.05 16.75 -10.44
CA MET A 309 -1.24 17.96 -10.34
C MET A 309 -2.01 19.08 -9.64
N GLU A 310 -3.17 19.44 -10.17
CA GLU A 310 -3.97 20.51 -9.58
C GLU A 310 -4.66 20.14 -8.28
N ALA A 311 -4.83 18.85 -8.03
CA ALA A 311 -5.46 18.41 -6.79
C ALA A 311 -4.54 18.69 -5.61
N PHE A 312 -3.23 18.58 -5.84
CA PHE A 312 -2.22 18.84 -4.81
C PHE A 312 -2.08 20.33 -4.51
C1 X2F B . -2.65 -4.38 -3.05
C2 X2F B . -1.66 -5.38 -2.39
C3 X2F B . -0.43 -5.63 -3.27
C4 X2F B . -0.90 -6.10 -4.63
C5 X2F B . -1.92 -5.10 -5.17
O3 X2F B . 0.42 -6.61 -2.69
O4 X2F B . 0.20 -6.16 -5.53
O5 X2F B . -3.03 -5.00 -4.27
F2 X2F B . -1.35 -5.02 -1.08
C1 XYP B . 0.15 -7.20 -6.47
C2 XYP B . 1.26 -7.02 -7.48
C3 XYP B . 1.36 -8.17 -8.46
C4 XYP B . 1.44 -9.47 -7.68
C5 XYP B . 0.26 -9.60 -6.73
O2 XYP B . 1.07 -5.82 -8.17
O3 XYP B . 2.54 -8.01 -9.23
O4 XYP B . 1.43 -10.57 -8.58
O5 XYP B . 0.25 -8.47 -5.83
#